data_3PFE
#
_entry.id   3PFE
#
_cell.length_a   59.388
_cell.length_b   178.600
_cell.length_c   50.803
_cell.angle_alpha   90.000
_cell.angle_beta   90.000
_cell.angle_gamma   90.000
#
_symmetry.space_group_name_H-M   'P 21 21 2'
#
loop_
_entity.id
_entity.type
_entity.pdbx_description
1 polymer 'Succinyl-diaminopimelate desuccinylase'
2 non-polymer 'ZINC ION'
3 non-polymer 'CHLORIDE ION'
4 non-polymer IMIDAZOLE
5 non-polymer DI(HYDROXYETHYL)ETHER
6 non-polymer GLYCEROL
7 water water
#
_entity_poly.entity_id   1
_entity_poly.type   'polypeptide(L)'
_entity_poly.pdbx_seq_one_letter_code
;G(MSE)FKPQGLYDYICQQWQEEILPSLCDYIKIPNKSPHFDAKWEEHGY(MSE)EQAVNHIANWCKSHAPKG(MSE)TL
EIVRLKNRTPLLF(MSE)EIPGQIDDTVLLYGHLDKQPE(MSE)SGWSDDLHPWKPVLKNGLLYGRGGADDGYSAYASLT
AIRALEQQGLPYPRCILIIEACEESGSYDLPFYIELLKERIGKPSLVICLDSGAGNYEQLW(MSE)TTSLRGNLVGKLTV
ELINEGVHSGSASGIVADSFRVARQLISRIEDENTGEIKLPQLYCDIPDERIKQAKQCAEILGEQVYSEFPWIDSAKPVI
QDKQQLILNRTWRPALTVTGADGFPAIADAGNV(MSE)RPVTSLKLS(MSE)RLPPLVDPEAASVA(MSE)EKALTQNPP
YNAKVDFKIQNGGSKGWNAPLLSDWLAKAASEAS(MSE)TYYDKPAAY(MSE)GEGGTIPF(MSE)S(MSE)LGEQFPKA
QF(MSE)ITGVLGPHSNAHGPNEFLHLD(MSE)VKKLTSCVSYVLYSFSQKK
;
_entity_poly.pdbx_strand_id   A
#
loop_
_chem_comp.id
_chem_comp.type
_chem_comp.name
_chem_comp.formula
CL non-polymer 'CHLORIDE ION' 'Cl -1'
GOL non-polymer GLYCEROL 'C3 H8 O3'
IMD non-polymer IMIDAZOLE 'C3 H5 N2 1'
PEG non-polymer DI(HYDROXYETHYL)ETHER 'C4 H10 O3'
ZN non-polymer 'ZINC ION' 'Zn 2'
#
# COMPACT_ATOMS: atom_id res chain seq x y z
N GLY A 1 19.64 13.23 -29.82
N GLY A 1 19.67 12.48 -30.60
CA GLY A 1 20.68 12.34 -30.41
CA GLY A 1 20.57 12.46 -29.38
C GLY A 1 20.71 10.98 -29.71
C GLY A 1 20.88 11.01 -29.02
N MSE A 2 21.52 10.87 -28.66
N MSE A 2 21.74 10.78 -28.01
CA MSE A 2 21.76 9.57 -27.98
CA MSE A 2 22.01 9.42 -27.55
C MSE A 2 20.52 8.96 -27.26
C MSE A 2 20.76 8.71 -27.06
O MSE A 2 20.32 7.76 -27.35
O MSE A 2 20.60 7.52 -27.23
CB MSE A 2 23.00 9.63 -27.04
CB MSE A 2 23.00 9.40 -26.40
CG MSE A 2 24.38 9.26 -27.72
CG MSE A 2 24.36 9.78 -26.78
SE MSE A 2 25.89 8.61 -26.56
SE MSE A 2 25.02 8.30 -27.79
CE MSE A 2 25.51 6.70 -26.61
CE MSE A 2 25.99 7.26 -26.41
N PHE A 3 19.67 9.76 -26.60
N PHE A 3 19.87 9.50 -26.44
CA PHE A 3 18.53 9.22 -25.89
CA PHE A 3 18.62 9.00 -25.88
C PHE A 3 17.43 8.98 -26.90
C PHE A 3 17.53 8.92 -26.91
N LYS A 4 16.92 7.75 -26.95
CA LYS A 4 15.82 7.40 -27.82
C LYS A 4 14.65 6.95 -26.91
N PRO A 5 13.67 7.83 -26.63
CA PRO A 5 12.55 7.37 -25.78
C PRO A 5 11.78 6.14 -26.27
N GLN A 6 11.58 5.94 -27.57
CA GLN A 6 10.88 4.74 -28.03
CA GLN A 6 10.92 4.74 -28.13
C GLN A 6 11.79 3.51 -27.94
N GLY A 7 13.09 3.73 -28.02
CA GLY A 7 14.03 2.62 -27.85
C GLY A 7 13.90 2.09 -26.44
N LEU A 8 13.68 2.98 -25.46
CA LEU A 8 13.52 2.55 -24.05
CA LEU A 8 13.52 2.56 -24.10
C LEU A 8 12.34 1.57 -24.00
N TYR A 9 11.20 1.96 -24.61
CA TYR A 9 9.99 1.15 -24.55
C TYR A 9 10.18 -0.18 -25.25
N ASP A 10 10.82 -0.15 -26.43
CA ASP A 10 11.03 -1.41 -27.14
C ASP A 10 11.84 -2.43 -26.33
N TYR A 11 12.92 -1.97 -25.70
CA TYR A 11 13.75 -2.82 -24.88
C TYR A 11 12.99 -3.30 -23.65
N ILE A 12 12.32 -2.38 -23.00
CA ILE A 12 11.57 -2.72 -21.79
C ILE A 12 10.47 -3.73 -22.04
N CYS A 13 9.77 -3.60 -23.17
CA CYS A 13 8.74 -4.57 -23.56
C CYS A 13 9.37 -5.95 -23.78
N GLN A 14 10.50 -6.01 -24.46
CA GLN A 14 11.17 -7.28 -24.73
C GLN A 14 11.64 -7.94 -23.43
N GLN A 15 12.19 -7.13 -22.54
CA GLN A 15 12.60 -7.59 -21.23
C GLN A 15 11.43 -8.12 -20.44
N TRP A 16 10.31 -7.40 -20.45
CA TRP A 16 9.11 -7.87 -19.72
C TRP A 16 8.68 -9.25 -20.24
N GLN A 17 8.63 -9.40 -21.56
CA GLN A 17 8.15 -10.62 -22.16
C GLN A 17 9.11 -11.79 -21.94
N GLU A 18 10.40 -11.56 -22.13
CA GLU A 18 11.38 -12.64 -22.23
C GLU A 18 12.15 -12.93 -20.96
N GLU A 19 12.38 -11.90 -20.16
CA GLU A 19 13.24 -12.02 -19.01
C GLU A 19 12.50 -11.92 -17.70
N ILE A 20 11.55 -10.97 -17.60
CA ILE A 20 10.83 -10.81 -16.37
C ILE A 20 9.72 -11.79 -16.17
N LEU A 21 8.85 -11.92 -17.16
N LEU A 21 8.84 -11.90 -17.16
CA LEU A 21 7.60 -12.67 -16.96
CA LEU A 21 7.60 -12.67 -16.97
C LEU A 21 7.82 -14.11 -16.48
C LEU A 21 7.84 -14.09 -16.48
N PRO A 22 8.78 -14.84 -17.07
CA PRO A 22 8.94 -16.22 -16.55
C PRO A 22 9.34 -16.28 -15.07
N SER A 23 10.22 -15.37 -14.68
CA SER A 23 10.70 -15.31 -13.33
C SER A 23 9.60 -14.86 -12.38
N LEU A 24 8.86 -13.83 -12.78
CA LEU A 24 7.75 -13.33 -11.98
C LEU A 24 6.66 -14.38 -11.79
N CYS A 25 6.35 -15.12 -12.85
CA CYS A 25 5.41 -16.23 -12.74
C CYS A 25 5.91 -17.25 -11.71
N ASP A 26 7.22 -17.58 -11.74
CA ASP A 26 7.75 -18.54 -10.75
C ASP A 26 7.66 -17.99 -9.31
N TYR A 27 7.81 -16.68 -9.15
CA TYR A 27 7.66 -16.03 -7.88
C TYR A 27 6.25 -16.10 -7.31
N ILE A 28 5.26 -16.00 -8.21
CA ILE A 28 3.86 -16.12 -7.79
C ILE A 28 3.58 -17.47 -7.13
N LYS A 29 4.30 -18.51 -7.50
N LYS A 29 4.33 -18.50 -7.52
CA LYS A 29 4.04 -19.81 -6.88
CA LYS A 29 4.21 -19.86 -6.96
C LYS A 29 4.43 -19.86 -5.40
C LYS A 29 4.67 -20.00 -5.50
N ILE A 30 5.31 -18.97 -4.96
CA ILE A 30 5.87 -19.04 -3.60
C ILE A 30 4.90 -18.46 -2.62
N PRO A 31 4.45 -19.24 -1.62
CA PRO A 31 3.42 -18.76 -0.72
C PRO A 31 3.97 -18.03 0.48
N ASN A 32 4.75 -16.99 0.20
CA ASN A 32 5.47 -16.29 1.25
C ASN A 32 4.66 -15.20 1.91
N LYS A 33 3.74 -15.61 2.77
CA LYS A 33 2.94 -14.69 3.52
C LYS A 33 3.79 -13.89 4.50
N SER A 34 3.43 -12.62 4.64
CA SER A 34 4.11 -11.68 5.52
C SER A 34 3.94 -12.13 6.98
N PRO A 35 4.85 -11.70 7.88
CA PRO A 35 4.79 -12.31 9.24
C PRO A 35 3.47 -12.17 10.00
N HIS A 36 2.71 -11.09 9.81
CA HIS A 36 1.43 -10.95 10.53
C HIS A 36 0.49 -12.09 10.19
N PHE A 37 0.65 -12.68 9.00
CA PHE A 37 -0.20 -13.75 8.50
C PHE A 37 0.40 -15.14 8.64
N ASP A 38 1.62 -15.21 9.15
CA ASP A 38 2.35 -16.47 9.33
C ASP A 38 3.46 -16.27 10.37
N ALA A 39 3.13 -16.51 11.65
CA ALA A 39 4.13 -16.30 12.70
C ALA A 39 5.33 -17.22 12.55
N LYS A 40 5.17 -18.34 11.82
CA LYS A 40 6.25 -19.29 11.57
C LYS A 40 6.87 -19.13 10.20
N TRP A 41 6.81 -17.92 9.68
CA TRP A 41 7.37 -17.62 8.35
C TRP A 41 8.83 -18.05 8.22
N GLU A 42 9.60 -17.95 9.30
CA GLU A 42 11.03 -18.26 9.24
C GLU A 42 11.24 -19.78 9.03
N GLU A 43 10.62 -20.57 9.90
CA GLU A 43 10.58 -22.02 9.76
C GLU A 43 10.06 -22.51 8.41
N HIS A 44 9.00 -21.88 7.91
CA HIS A 44 8.37 -22.34 6.68
C HIS A 44 9.23 -22.15 5.45
N GLY A 45 10.13 -21.16 5.47
CA GLY A 45 11.15 -21.04 4.44
C GLY A 45 10.73 -20.33 3.15
N TYR A 46 9.47 -19.93 3.06
CA TYR A 46 8.95 -19.35 1.81
C TYR A 46 9.50 -17.95 1.61
N MSE A 47 9.57 -17.16 2.69
CA MSE A 47 10.17 -15.85 2.58
C MSE A 47 11.60 -15.92 2.06
O MSE A 47 11.99 -15.14 1.18
CB MSE A 47 10.13 -15.13 3.92
CG MSE A 47 10.26 -13.61 3.80
SE MSE A 47 8.80 -12.75 2.93
CE MSE A 47 7.46 -12.94 4.29
N GLU A 48 12.38 -16.85 2.58
CA GLU A 48 13.74 -17.04 2.13
C GLU A 48 13.78 -17.47 0.67
N GLN A 49 12.85 -18.35 0.27
CA GLN A 49 12.78 -18.77 -1.13
C GLN A 49 12.55 -17.54 -2.04
N ALA A 50 11.61 -16.69 -1.64
CA ALA A 50 11.25 -15.52 -2.43
C ALA A 50 12.41 -14.54 -2.57
N VAL A 51 13.10 -14.24 -1.48
N VAL A 51 13.08 -14.25 -1.45
CA VAL A 51 14.19 -13.26 -1.58
CA VAL A 51 14.20 -13.32 -1.48
C VAL A 51 15.38 -13.82 -2.38
C VAL A 51 15.33 -13.84 -2.38
N ASN A 52 15.64 -15.13 -2.24
CA ASN A 52 16.68 -15.71 -3.07
C ASN A 52 16.30 -15.80 -4.58
N HIS A 53 15.01 -16.02 -4.86
CA HIS A 53 14.52 -16.08 -6.23
C HIS A 53 14.73 -14.72 -6.95
N ILE A 54 14.24 -13.65 -6.28
CA ILE A 54 14.40 -12.32 -6.85
C ILE A 54 15.89 -11.91 -6.86
N ALA A 55 16.66 -12.21 -5.80
CA ALA A 55 18.06 -11.88 -5.82
C ALA A 55 18.82 -12.55 -6.99
N ASN A 56 18.54 -13.86 -7.21
N ASN A 56 18.58 -13.82 -7.24
CA ASN A 56 19.15 -14.67 -8.30
CA ASN A 56 19.33 -14.46 -8.28
C ASN A 56 18.92 -13.98 -9.65
C ASN A 56 18.94 -13.94 -9.67
N TRP A 57 17.70 -13.52 -9.85
CA TRP A 57 17.36 -12.87 -11.12
C TRP A 57 18.09 -11.55 -11.24
N CYS A 58 18.14 -10.79 -10.16
CA CYS A 58 18.82 -9.48 -10.20
C CYS A 58 20.30 -9.66 -10.50
N LYS A 59 20.92 -10.69 -9.92
CA LYS A 59 22.36 -10.91 -10.15
C LYS A 59 22.63 -11.27 -11.60
N SER A 60 21.71 -11.98 -12.23
CA SER A 60 21.92 -12.36 -13.64
CA SER A 60 21.85 -12.39 -13.64
C SER A 60 21.44 -11.30 -14.62
N HIS A 61 20.91 -10.21 -14.11
CA HIS A 61 20.46 -9.08 -14.93
C HIS A 61 21.08 -7.78 -14.38
N ALA A 62 22.29 -7.85 -13.88
CA ALA A 62 22.89 -6.75 -13.09
C ALA A 62 23.41 -5.61 -13.97
N PRO A 63 22.99 -4.37 -13.68
CA PRO A 63 23.76 -3.22 -14.21
C PRO A 63 25.23 -3.21 -13.77
N LYS A 64 26.02 -2.33 -14.39
CA LYS A 64 27.44 -2.27 -14.12
C LYS A 64 27.73 -1.95 -12.65
N GLY A 65 28.64 -2.72 -12.08
CA GLY A 65 29.14 -2.38 -10.75
C GLY A 65 28.21 -2.66 -9.59
N MSE A 66 27.12 -3.37 -9.84
CA MSE A 66 26.07 -3.56 -8.83
C MSE A 66 26.64 -4.40 -7.67
O MSE A 66 27.27 -5.44 -7.89
CB MSE A 66 24.84 -4.25 -9.37
CG MSE A 66 23.83 -4.50 -8.27
SE MSE A 66 22.11 -5.11 -8.99
CE MSE A 66 22.49 -6.77 -9.09
N THR A 67 26.40 -3.96 -6.43
CA THR A 67 26.53 -4.81 -5.24
C THR A 67 25.14 -5.22 -4.81
N LEU A 68 24.91 -6.50 -4.64
CA LEU A 68 23.67 -7.02 -4.12
C LEU A 68 23.94 -7.78 -2.85
N GLU A 69 23.12 -7.55 -1.84
CA GLU A 69 23.26 -8.28 -0.58
C GLU A 69 21.86 -8.56 -0.02
N ILE A 70 21.66 -9.76 0.48
CA ILE A 70 20.52 -10.08 1.29
C ILE A 70 20.96 -9.78 2.72
N VAL A 71 20.48 -8.64 3.21
CA VAL A 71 20.84 -8.12 4.53
C VAL A 71 19.96 -8.78 5.55
N ARG A 72 20.55 -9.20 6.67
CA ARG A 72 19.86 -9.96 7.67
C ARG A 72 20.16 -9.47 9.09
N LEU A 73 19.11 -9.19 9.82
CA LEU A 73 19.15 -8.92 11.24
C LEU A 73 18.46 -10.10 11.95
N LYS A 74 18.94 -10.42 13.16
N LYS A 74 19.02 -10.53 13.08
CA LYS A 74 18.39 -11.55 13.93
CA LYS A 74 18.51 -11.73 13.75
C LYS A 74 16.89 -11.56 14.09
C LYS A 74 17.01 -11.62 14.09
N ASN A 75 16.25 -12.66 13.70
CA ASN A 75 14.78 -12.78 13.86
C ASN A 75 13.92 -11.77 13.07
N ARG A 76 14.56 -11.09 12.11
CA ARG A 76 13.85 -10.18 11.25
C ARG A 76 13.73 -10.79 9.84
N THR A 77 12.70 -10.34 9.13
CA THR A 77 12.57 -10.65 7.71
C THR A 77 13.83 -10.13 7.00
N PRO A 78 14.32 -10.84 5.99
CA PRO A 78 15.48 -10.41 5.23
C PRO A 78 15.18 -9.18 4.41
N LEU A 79 16.22 -8.44 4.04
CA LEU A 79 16.04 -7.25 3.24
C LEU A 79 16.97 -7.30 2.05
N LEU A 80 16.41 -7.18 0.87
CA LEU A 80 17.21 -7.20 -0.35
C LEU A 80 17.70 -5.78 -0.66
N PHE A 81 19.01 -5.61 -0.71
CA PHE A 81 19.68 -4.34 -0.90
C PHE A 81 20.51 -4.40 -2.17
N MSE A 82 20.40 -3.37 -3.03
CA MSE A 82 21.31 -3.23 -4.16
C MSE A 82 21.88 -1.83 -4.18
O MSE A 82 21.16 -0.87 -3.94
CB MSE A 82 20.60 -3.55 -5.48
CG MSE A 82 20.25 -4.99 -5.63
SE MSE A 82 18.99 -5.26 -7.10
CE MSE A 82 17.34 -5.36 -6.07
N GLU A 83 23.14 -1.72 -4.56
CA GLU A 83 23.77 -0.41 -4.80
C GLU A 83 24.35 -0.45 -6.20
N ILE A 84 23.86 0.44 -7.05
CA ILE A 84 24.37 0.58 -8.45
C ILE A 84 25.06 1.90 -8.56
N PRO A 85 26.43 1.91 -8.80
CA PRO A 85 27.19 3.14 -8.64
C PRO A 85 26.83 4.30 -9.55
N GLY A 86 26.47 4.02 -10.79
CA GLY A 86 26.17 5.08 -11.72
C GLY A 86 27.37 6.00 -12.00
N GLN A 87 27.09 7.11 -12.68
CA GLN A 87 28.15 8.03 -13.06
C GLN A 87 27.88 9.45 -12.60
N ILE A 88 26.67 9.71 -12.18
CA ILE A 88 26.26 11.04 -11.77
C ILE A 88 26.24 11.05 -10.25
N ASP A 89 26.76 12.15 -9.69
CA ASP A 89 27.04 12.24 -8.27
C ASP A 89 25.78 12.70 -7.52
N ASP A 90 24.79 11.81 -7.50
CA ASP A 90 23.53 12.04 -6.81
C ASP A 90 22.92 10.67 -6.67
N THR A 91 21.95 10.53 -5.76
CA THR A 91 21.43 9.21 -5.43
C THR A 91 19.92 9.19 -5.58
N VAL A 92 19.44 8.11 -6.18
CA VAL A 92 18.04 7.79 -6.24
C VAL A 92 17.79 6.53 -5.47
N LEU A 93 16.72 6.52 -4.68
N LEU A 93 16.73 6.53 -4.66
CA LEU A 93 16.35 5.34 -3.88
CA LEU A 93 16.34 5.34 -3.92
C LEU A 93 15.05 4.78 -4.41
C LEU A 93 15.10 4.82 -4.61
N LEU A 94 15.09 3.52 -4.87
CA LEU A 94 13.93 2.80 -5.41
C LEU A 94 13.51 1.77 -4.38
N TYR A 95 12.21 1.70 -4.10
CA TYR A 95 11.71 0.84 -3.03
C TYR A 95 10.49 0.05 -3.47
N GLY A 96 10.42 -1.18 -2.97
CA GLY A 96 9.22 -2.01 -3.04
C GLY A 96 9.32 -3.14 -2.02
N HIS A 97 8.44 -4.12 -2.12
CA HIS A 97 8.44 -5.25 -1.18
C HIS A 97 8.16 -6.53 -1.92
N LEU A 98 8.46 -7.65 -1.25
CA LEU A 98 8.29 -8.96 -1.85
C LEU A 98 7.46 -9.89 -0.95
N ASP A 99 7.09 -9.44 0.25
CA ASP A 99 6.19 -10.21 1.09
C ASP A 99 4.75 -10.05 0.62
N LYS A 100 3.90 -11.01 0.97
CA LYS A 100 2.56 -11.09 0.44
C LYS A 100 1.44 -11.14 1.46
N GLN A 101 0.31 -10.57 1.06
CA GLN A 101 -0.95 -10.81 1.74
C GLN A 101 -1.36 -12.27 1.56
N PRO A 102 -2.25 -12.76 2.44
CA PRO A 102 -2.63 -14.15 2.41
C PRO A 102 -3.62 -14.45 1.25
N GLU A 103 -4.11 -15.69 1.22
CA GLU A 103 -4.89 -16.19 0.07
C GLU A 103 -6.15 -15.38 -0.23
N MSE A 104 -6.92 -15.17 0.82
CA MSE A 104 -8.30 -14.63 0.75
CA MSE A 104 -8.29 -14.68 0.78
C MSE A 104 -9.24 -15.62 0.05
O MSE A 104 -8.80 -16.54 -0.64
CB MSE A 104 -8.41 -13.28 0.05
CB MSE A 104 -8.29 -13.33 0.13
CG MSE A 104 -7.42 -12.22 0.49
CG MSE A 104 -7.07 -12.60 0.53
SE MSE A 104 -7.55 -11.69 2.31
SE MSE A 104 -7.63 -10.90 0.79
CE MSE A 104 -5.95 -10.42 2.31
CE MSE A 104 -8.85 -11.36 2.23
N SER A 105 -10.53 -15.36 0.22
CA SER A 105 -11.61 -16.14 -0.40
CA SER A 105 -11.57 -16.17 -0.42
C SER A 105 -12.11 -15.43 -1.65
N GLY A 106 -12.73 -16.18 -2.56
CA GLY A 106 -13.38 -15.59 -3.73
C GLY A 106 -12.64 -15.70 -5.04
N TRP A 107 -11.61 -16.54 -5.10
CA TRP A 107 -10.87 -16.74 -6.34
C TRP A 107 -11.77 -17.42 -7.38
N SER A 108 -11.65 -17.00 -8.63
CA SER A 108 -12.33 -17.67 -9.74
C SER A 108 -11.82 -19.08 -9.90
N ASP A 109 -12.65 -19.92 -10.51
CA ASP A 109 -12.36 -21.34 -10.59
C ASP A 109 -11.06 -21.66 -11.31
N ASP A 110 -10.70 -20.84 -12.29
CA ASP A 110 -9.47 -21.09 -13.05
C ASP A 110 -8.23 -20.42 -12.44
N LEU A 111 -8.43 -19.70 -11.33
CA LEU A 111 -7.39 -18.86 -10.74
C LEU A 111 -7.07 -19.35 -9.34
N HIS A 112 -5.87 -19.04 -8.86
CA HIS A 112 -5.43 -19.49 -7.55
CA HIS A 112 -5.43 -19.48 -7.55
C HIS A 112 -4.38 -18.51 -7.02
N PRO A 113 -4.36 -18.28 -5.70
CA PRO A 113 -3.35 -17.31 -5.24
C PRO A 113 -1.91 -17.69 -5.54
N TRP A 114 -1.57 -18.98 -5.55
CA TRP A 114 -0.19 -19.42 -5.72
C TRP A 114 0.08 -20.08 -7.07
N LYS A 115 -0.78 -19.79 -8.05
CA LYS A 115 -0.70 -20.31 -9.41
CA LYS A 115 -0.64 -20.29 -9.40
C LYS A 115 -0.72 -19.14 -10.40
N PRO A 116 0.40 -18.86 -11.09
CA PRO A 116 0.29 -17.74 -12.05
C PRO A 116 -0.56 -18.11 -13.24
N VAL A 117 -1.45 -17.20 -13.64
CA VAL A 117 -2.29 -17.44 -14.80
C VAL A 117 -2.26 -16.20 -15.65
N LEU A 118 -1.83 -16.33 -16.89
N LEU A 118 -1.80 -16.35 -16.87
CA LEU A 118 -1.76 -15.19 -17.79
CA LEU A 118 -1.81 -15.28 -17.84
C LEU A 118 -2.92 -15.27 -18.76
C LEU A 118 -3.09 -15.40 -18.65
N LYS A 119 -3.89 -14.35 -18.63
CA LYS A 119 -5.02 -14.27 -19.54
C LYS A 119 -5.46 -12.85 -19.82
N ASN A 120 -5.83 -12.62 -21.07
CA ASN A 120 -6.32 -11.30 -21.47
C ASN A 120 -5.30 -10.19 -21.19
N GLY A 121 -4.01 -10.48 -21.28
CA GLY A 121 -2.96 -9.50 -21.03
C GLY A 121 -2.74 -9.18 -19.57
N LEU A 122 -3.31 -9.99 -18.69
CA LEU A 122 -3.21 -9.79 -17.26
C LEU A 122 -2.55 -11.01 -16.65
N LEU A 123 -1.70 -10.78 -15.65
CA LEU A 123 -1.05 -11.86 -14.90
C LEU A 123 -1.69 -11.96 -13.53
N TYR A 124 -2.40 -13.05 -13.33
CA TYR A 124 -3.14 -13.28 -12.10
C TYR A 124 -2.32 -14.08 -11.13
N GLY A 125 -2.49 -13.75 -9.85
CA GLY A 125 -1.88 -14.48 -8.76
C GLY A 125 -1.56 -13.54 -7.61
N ARG A 126 -1.39 -14.06 -6.40
CA ARG A 126 -1.05 -13.17 -5.27
C ARG A 126 0.37 -12.70 -5.40
N GLY A 127 0.54 -11.41 -5.27
CA GLY A 127 1.86 -10.81 -5.25
C GLY A 127 2.48 -10.46 -6.58
N GLY A 128 1.81 -10.69 -7.71
CA GLY A 128 2.36 -10.24 -8.98
C GLY A 128 2.39 -8.71 -9.02
N ALA A 129 1.22 -8.13 -8.78
CA ALA A 129 1.03 -6.70 -8.77
C ALA A 129 1.42 -6.07 -7.44
N ASP A 130 1.09 -6.74 -6.33
CA ASP A 130 1.38 -6.20 -5.01
C ASP A 130 2.23 -7.19 -4.26
N ASP A 131 3.57 -7.16 -4.43
CA ASP A 131 4.34 -6.09 -5.12
C ASP A 131 5.55 -6.66 -5.83
N GLY A 132 5.41 -7.91 -6.25
CA GLY A 132 6.52 -8.67 -6.86
C GLY A 132 7.16 -7.96 -8.03
N TYR A 133 6.38 -7.27 -8.85
CA TYR A 133 6.94 -6.60 -10.04
C TYR A 133 7.97 -5.54 -9.71
N SER A 134 7.97 -5.01 -8.50
CA SER A 134 8.74 -3.82 -8.18
C SER A 134 10.24 -3.96 -8.37
N ALA A 135 10.82 -5.06 -7.90
CA ALA A 135 12.29 -5.24 -8.07
C ALA A 135 12.64 -5.36 -9.56
N TYR A 136 11.83 -6.14 -10.29
CA TYR A 136 12.05 -6.36 -11.69
C TYR A 136 11.95 -5.09 -12.51
N ALA A 137 10.90 -4.30 -12.27
CA ALA A 137 10.69 -3.09 -13.05
C ALA A 137 11.76 -2.06 -12.69
N SER A 138 12.09 -1.95 -11.40
CA SER A 138 13.07 -0.97 -10.97
C SER A 138 14.45 -1.21 -11.60
N LEU A 139 14.90 -2.46 -11.58
CA LEU A 139 16.19 -2.79 -12.13
C LEU A 139 16.19 -2.66 -13.63
N THR A 140 15.10 -3.05 -14.28
CA THR A 140 15.00 -2.97 -15.73
C THR A 140 15.01 -1.52 -16.23
N ALA A 141 14.39 -0.60 -15.44
CA ALA A 141 14.42 0.81 -15.78
C ALA A 141 15.88 1.32 -15.90
N ILE A 142 16.75 0.86 -15.03
CA ILE A 142 18.18 1.22 -15.07
C ILE A 142 18.89 0.53 -16.25
N ARG A 143 18.63 -0.76 -16.41
CA ARG A 143 19.21 -1.54 -17.50
C ARG A 143 18.89 -0.92 -18.85
N ALA A 144 17.69 -0.37 -19.03
CA ALA A 144 17.28 0.25 -20.28
C ALA A 144 18.17 1.46 -20.62
N LEU A 145 18.56 2.24 -19.61
CA LEU A 145 19.49 3.36 -19.83
C LEU A 145 20.90 2.85 -20.20
N GLU A 146 21.35 1.79 -19.56
CA GLU A 146 22.63 1.16 -19.97
C GLU A 146 22.62 0.67 -21.39
N GLN A 147 21.46 0.20 -21.85
CA GLN A 147 21.34 -0.27 -23.24
CA GLN A 147 21.36 -0.31 -23.21
C GLN A 147 21.70 0.79 -24.24
N GLN A 148 21.35 2.02 -23.92
CA GLN A 148 21.59 3.16 -24.78
C GLN A 148 22.90 3.87 -24.53
N GLY A 149 23.67 3.38 -23.57
CA GLY A 149 24.96 3.98 -23.25
C GLY A 149 24.87 5.28 -22.51
N LEU A 150 23.80 5.45 -21.73
CA LEU A 150 23.54 6.68 -21.07
C LEU A 150 23.99 6.62 -19.62
N PRO A 151 24.41 7.79 -19.11
CA PRO A 151 24.77 7.85 -17.71
C PRO A 151 23.52 8.00 -16.83
N TYR A 152 23.67 7.64 -15.58
CA TYR A 152 22.55 7.73 -14.65
C TYR A 152 23.08 7.90 -13.23
N PRO A 153 22.17 8.28 -12.32
CA PRO A 153 22.67 8.49 -10.98
C PRO A 153 22.99 7.18 -10.25
N ARG A 154 23.66 7.32 -9.15
CA ARG A 154 23.79 6.23 -8.17
C ARG A 154 22.38 5.81 -7.74
N CYS A 155 22.11 4.51 -7.75
CA CYS A 155 20.78 3.97 -7.38
C CYS A 155 20.94 2.98 -6.24
N ILE A 156 20.10 3.15 -5.21
CA ILE A 156 19.95 2.21 -4.14
C ILE A 156 18.57 1.58 -4.32
N LEU A 157 18.48 0.26 -4.33
CA LEU A 157 17.20 -0.45 -4.35
C LEU A 157 17.05 -1.15 -3.04
N ILE A 158 15.88 -0.99 -2.43
N ILE A 158 15.91 -0.97 -2.37
CA ILE A 158 15.48 -1.61 -1.16
CA ILE A 158 15.58 -1.73 -1.18
C ILE A 158 14.24 -2.41 -1.49
C ILE A 158 14.25 -2.41 -1.39
N ILE A 159 14.27 -3.73 -1.37
CA ILE A 159 13.07 -4.55 -1.53
C ILE A 159 12.87 -5.29 -0.23
N GLU A 160 11.96 -4.81 0.59
CA GLU A 160 11.79 -5.35 1.93
C GLU A 160 10.80 -6.55 1.94
N ALA A 161 10.70 -7.19 3.10
CA ALA A 161 9.85 -8.35 3.28
C ALA A 161 8.91 -8.28 4.49
N CYS A 162 8.58 -7.06 4.92
CA CYS A 162 7.71 -6.85 6.06
C CYS A 162 6.66 -5.82 5.78
N GLU A 163 6.47 -5.40 4.53
CA GLU A 163 5.59 -4.26 4.28
C GLU A 163 4.14 -4.55 4.59
N GLU A 164 3.71 -5.79 4.35
CA GLU A 164 2.32 -6.14 4.54
C GLU A 164 2.02 -6.38 6.01
N SER A 165 3.04 -6.26 6.86
CA SER A 165 2.87 -6.31 8.34
C SER A 165 3.22 -5.01 9.02
N GLY A 166 3.29 -3.93 8.26
CA GLY A 166 3.54 -2.61 8.80
C GLY A 166 4.96 -2.16 8.80
N SER A 167 5.87 -2.89 8.12
CA SER A 167 7.27 -2.53 8.00
C SER A 167 7.94 -2.36 9.35
N TYR A 168 7.58 -3.16 10.34
CA TYR A 168 8.20 -2.98 11.64
C TYR A 168 9.67 -3.34 11.70
N ASP A 169 10.13 -4.19 10.77
CA ASP A 169 11.55 -4.51 10.70
C ASP A 169 12.37 -3.39 10.08
N LEU A 170 11.72 -2.55 9.25
CA LEU A 170 12.45 -1.69 8.37
C LEU A 170 13.30 -0.63 9.04
N PRO A 171 12.82 0.01 10.13
CA PRO A 171 13.67 1.00 10.77
C PRO A 171 15.00 0.45 11.24
N PHE A 172 15.03 -0.82 11.63
CA PHE A 172 16.25 -1.42 12.08
C PHE A 172 17.24 -1.61 10.94
N TYR A 173 16.72 -2.00 9.78
CA TYR A 173 17.56 -2.06 8.60
C TYR A 173 18.06 -0.69 8.17
N ILE A 174 17.20 0.32 8.24
CA ILE A 174 17.64 1.65 7.81
C ILE A 174 18.71 2.17 8.75
N GLU A 175 18.62 1.89 10.06
CA GLU A 175 19.69 2.27 10.98
CA GLU A 175 19.69 2.27 10.99
C GLU A 175 21.00 1.57 10.62
N LEU A 176 20.94 0.28 10.31
CA LEU A 176 22.14 -0.45 9.91
C LEU A 176 22.80 0.13 8.65
N LEU A 177 21.92 0.49 7.70
CA LEU A 177 22.32 0.85 6.34
C LEU A 177 22.46 2.34 6.07
N LYS A 178 22.11 3.14 7.07
CA LYS A 178 21.96 4.58 6.91
C LYS A 178 23.09 5.24 6.18
N GLU A 179 24.29 4.97 6.63
CA GLU A 179 25.42 5.73 6.10
C GLU A 179 25.75 5.24 4.71
N ARG A 180 25.46 3.97 4.42
CA ARG A 180 25.70 3.41 3.10
C ARG A 180 24.68 3.90 2.07
N ILE A 181 23.44 4.05 2.50
CA ILE A 181 22.40 4.59 1.64
C ILE A 181 22.71 6.02 1.22
N GLY A 182 23.14 6.84 2.16
CA GLY A 182 23.41 8.24 1.88
C GLY A 182 22.11 9.03 1.75
N LYS A 183 22.15 10.13 0.97
CA LYS A 183 21.02 11.07 0.93
CA LYS A 183 21.05 11.08 0.93
C LYS A 183 20.42 11.03 -0.45
N PRO A 184 19.26 10.37 -0.59
CA PRO A 184 18.59 10.37 -1.91
C PRO A 184 17.96 11.71 -2.22
N SER A 185 18.10 12.15 -3.47
CA SER A 185 17.43 13.34 -4.01
CA SER A 185 17.36 13.35 -3.88
C SER A 185 16.08 13.02 -4.62
N LEU A 186 15.88 11.74 -4.98
CA LEU A 186 14.63 11.24 -5.57
C LEU A 186 14.37 9.88 -4.96
N VAL A 187 13.11 9.64 -4.60
CA VAL A 187 12.60 8.37 -4.14
C VAL A 187 11.56 7.87 -5.10
N ILE A 188 11.75 6.67 -5.61
CA ILE A 188 10.76 6.03 -6.49
C ILE A 188 10.22 4.81 -5.77
N CYS A 189 8.89 4.69 -5.69
CA CYS A 189 8.20 3.57 -5.07
C CYS A 189 7.12 3.03 -5.99
N LEU A 190 7.25 1.78 -6.41
CA LEU A 190 6.35 1.13 -7.32
C LEU A 190 5.46 0.18 -6.51
N ASP A 191 4.64 0.77 -5.64
CA ASP A 191 3.67 0.02 -4.82
C ASP A 191 2.39 0.78 -4.59
N SER A 192 2.04 1.67 -5.50
CA SER A 192 0.84 2.49 -5.29
C SER A 192 -0.24 2.20 -6.33
N GLY A 193 -1.30 2.98 -6.30
CA GLY A 193 -2.45 2.78 -7.13
C GLY A 193 -2.41 3.51 -8.45
N ALA A 194 -3.46 3.31 -9.22
CA ALA A 194 -3.65 3.98 -10.50
C ALA A 194 -5.13 4.18 -10.68
N GLY A 195 -5.52 5.37 -11.13
CA GLY A 195 -6.94 5.66 -11.39
C GLY A 195 -7.52 4.90 -12.57
N ASN A 196 -6.66 4.66 -13.55
CA ASN A 196 -7.01 3.93 -14.76
C ASN A 196 -5.74 3.31 -15.29
N TYR A 197 -5.84 2.62 -16.43
CA TYR A 197 -4.68 1.99 -17.06
C TYR A 197 -4.27 2.73 -18.33
N GLU A 198 -4.52 4.04 -18.38
CA GLU A 198 -4.42 4.85 -19.61
C GLU A 198 -3.39 5.98 -19.55
N GLN A 199 -2.84 6.23 -18.38
CA GLN A 199 -1.88 7.28 -18.16
C GLN A 199 -1.07 7.05 -16.90
N LEU A 200 -0.02 7.83 -16.73
CA LEU A 200 0.81 7.80 -15.55
C LEU A 200 0.11 8.43 -14.37
N TRP A 201 0.06 7.73 -13.23
CA TRP A 201 -0.54 8.23 -12.00
C TRP A 201 0.50 8.49 -10.96
N MSE A 202 0.62 9.75 -10.56
CA MSE A 202 1.54 10.22 -9.57
C MSE A 202 0.81 10.35 -8.23
O MSE A 202 -0.15 11.15 -8.09
CB MSE A 202 2.11 11.57 -10.00
CG MSE A 202 2.95 11.52 -11.26
SE MSE A 202 4.66 10.69 -11.07
CE MSE A 202 5.60 12.09 -10.19
N THR A 203 1.21 9.57 -7.22
CA THR A 203 0.60 9.62 -5.89
C THR A 203 1.09 10.82 -5.13
N THR A 204 0.15 11.68 -4.71
CA THR A 204 0.47 12.93 -4.03
C THR A 204 0.32 12.84 -2.50
N SER A 205 -0.27 11.74 -2.01
CA SER A 205 -0.42 11.53 -0.57
C SER A 205 -0.79 10.07 -0.31
N LEU A 206 -0.51 9.67 0.93
CA LEU A 206 -0.85 8.36 1.50
C LEU A 206 -1.51 8.59 2.85
N ARG A 207 -2.53 7.79 3.15
CA ARG A 207 -3.15 7.85 4.45
C ARG A 207 -2.29 7.11 5.49
N GLY A 208 -2.46 7.51 6.74
CA GLY A 208 -1.96 6.77 7.87
C GLY A 208 -2.97 5.68 8.21
N ASN A 209 -2.61 4.87 9.20
CA ASN A 209 -3.49 3.78 9.66
C ASN A 209 -3.17 3.44 11.11
N LEU A 210 -4.23 3.27 11.88
CA LEU A 210 -4.15 2.87 13.28
CA LEU A 210 -4.15 2.90 13.26
C LEU A 210 -5.14 1.74 13.43
N VAL A 211 -4.68 0.68 14.05
CA VAL A 211 -5.49 -0.54 14.29
C VAL A 211 -5.53 -0.81 15.79
N GLY A 212 -6.71 -1.18 16.32
CA GLY A 212 -6.80 -1.51 17.72
C GLY A 212 -7.96 -2.46 17.98
N LYS A 213 -7.95 -3.01 19.18
CA LYS A 213 -8.99 -3.96 19.63
C LYS A 213 -9.81 -3.29 20.74
N LEU A 214 -11.10 -3.15 20.47
CA LEU A 214 -12.09 -2.69 21.43
C LEU A 214 -12.71 -3.89 22.10
N THR A 215 -12.63 -3.93 23.43
CA THR A 215 -13.23 -5.01 24.22
C THR A 215 -14.20 -4.44 25.23
N VAL A 216 -15.40 -5.04 25.30
CA VAL A 216 -16.47 -4.60 26.18
C VAL A 216 -17.04 -5.81 26.92
N GLU A 217 -17.14 -5.70 28.24
CA GLU A 217 -17.71 -6.73 29.11
C GLU A 217 -18.45 -6.13 30.27
N LEU A 218 -19.60 -6.70 30.58
CA LEU A 218 -20.39 -6.37 31.77
C LEU A 218 -20.45 -7.53 32.75
N ILE A 219 -20.29 -8.74 32.25
CA ILE A 219 -20.42 -9.94 33.05
C ILE A 219 -19.20 -10.82 32.76
N ASN A 220 -18.87 -11.68 33.73
CA ASN A 220 -17.64 -12.46 33.59
CA ASN A 220 -17.67 -12.52 33.78
C ASN A 220 -17.85 -13.90 33.12
N GLU A 221 -19.09 -14.25 32.77
CA GLU A 221 -19.40 -15.52 32.11
C GLU A 221 -20.71 -15.35 31.34
N GLY A 222 -20.95 -16.23 30.41
CA GLY A 222 -22.24 -16.23 29.67
C GLY A 222 -23.38 -16.58 30.62
N VAL A 223 -24.52 -15.91 30.40
CA VAL A 223 -25.70 -16.02 31.24
CA VAL A 223 -25.68 -16.10 31.24
C VAL A 223 -26.92 -16.28 30.38
N HIS A 224 -27.82 -17.12 30.87
CA HIS A 224 -29.14 -17.36 30.29
C HIS A 224 -29.75 -16.00 29.90
N SER A 225 -30.08 -15.84 28.64
CA SER A 225 -30.56 -14.52 28.17
C SER A 225 -31.99 -14.24 28.59
N GLY A 226 -32.77 -15.25 28.88
CA GLY A 226 -34.10 -15.03 29.41
C GLY A 226 -34.04 -14.34 30.76
N SER A 227 -33.13 -14.76 31.65
CA SER A 227 -32.88 -14.19 32.97
CA SER A 227 -33.09 -14.11 32.94
C SER A 227 -32.36 -12.77 32.87
N ALA A 228 -31.40 -12.60 31.97
CA ALA A 228 -30.58 -11.39 31.94
C ALA A 228 -31.10 -10.23 31.09
N SER A 229 -31.78 -10.56 30.00
N SER A 229 -31.69 -10.54 29.94
CA SER A 229 -32.22 -9.56 29.02
CA SER A 229 -32.03 -9.48 28.96
C SER A 229 -33.24 -8.64 29.67
C SER A 229 -33.23 -8.65 29.47
N GLY A 230 -32.93 -7.34 29.61
CA GLY A 230 -33.78 -6.35 30.27
C GLY A 230 -33.14 -5.80 31.54
N ILE A 231 -32.13 -6.48 32.07
CA ILE A 231 -31.45 -6.06 33.29
C ILE A 231 -29.97 -5.80 33.04
N VAL A 232 -29.28 -6.77 32.42
CA VAL A 232 -27.87 -6.67 32.07
C VAL A 232 -27.78 -6.19 30.62
N ALA A 233 -27.15 -5.03 30.40
CA ALA A 233 -27.01 -4.54 29.03
C ALA A 233 -26.20 -5.53 28.22
N ASP A 234 -26.61 -5.80 26.98
CA ASP A 234 -25.84 -6.69 26.15
C ASP A 234 -24.53 -5.99 25.74
N SER A 235 -23.41 -6.67 25.81
CA SER A 235 -22.11 -6.07 25.45
C SER A 235 -22.06 -5.57 24.01
N PHE A 236 -22.80 -6.18 23.08
CA PHE A 236 -22.85 -5.68 21.72
C PHE A 236 -23.50 -4.28 21.63
N ARG A 237 -24.57 -4.09 22.39
CA ARG A 237 -25.20 -2.78 22.37
C ARG A 237 -24.26 -1.71 22.94
N VAL A 238 -23.58 -2.03 24.03
CA VAL A 238 -22.62 -1.09 24.59
C VAL A 238 -21.48 -0.83 23.57
N ALA A 239 -20.96 -1.90 22.94
CA ALA A 239 -19.90 -1.70 21.96
C ALA A 239 -20.34 -0.75 20.81
N ARG A 240 -21.53 -0.96 20.26
CA ARG A 240 -22.00 -0.11 19.11
C ARG A 240 -22.26 1.32 19.60
N GLN A 241 -22.74 1.48 20.82
CA GLN A 241 -22.90 2.80 21.42
C GLN A 241 -21.55 3.51 21.52
N LEU A 242 -20.50 2.80 21.94
CA LEU A 242 -19.15 3.36 22.00
C LEU A 242 -18.64 3.76 20.61
N ILE A 243 -18.85 2.91 19.61
CA ILE A 243 -18.43 3.24 18.24
C ILE A 243 -19.19 4.50 17.77
N SER A 244 -20.46 4.67 18.14
CA SER A 244 -21.17 5.90 17.81
C SER A 244 -20.52 7.16 18.41
N ARG A 245 -19.71 7.00 19.45
CA ARG A 245 -18.99 8.17 19.99
C ARG A 245 -17.95 8.67 18.99
N ILE A 246 -17.39 7.75 18.21
CA ILE A 246 -16.36 8.11 17.24
C ILE A 246 -16.82 8.18 15.78
N GLU A 247 -17.95 7.59 15.45
CA GLU A 247 -18.42 7.51 14.07
C GLU A 247 -19.96 7.58 14.05
N ASP A 248 -20.47 8.48 13.24
CA ASP A 248 -21.91 8.57 13.04
C ASP A 248 -22.36 7.35 12.20
N GLU A 249 -23.33 6.60 12.72
CA GLU A 249 -23.76 5.39 12.06
C GLU A 249 -24.47 5.64 10.72
N ASN A 250 -25.04 6.85 10.54
CA ASN A 250 -25.79 7.16 9.33
C ASN A 250 -24.91 7.61 8.18
N THR A 251 -23.87 8.36 8.49
CA THR A 251 -23.00 8.93 7.44
C THR A 251 -21.61 8.38 7.40
N GLY A 252 -21.16 7.73 8.48
CA GLY A 252 -19.77 7.34 8.60
C GLY A 252 -18.79 8.43 9.01
N GLU A 253 -19.29 9.62 9.26
CA GLU A 253 -18.44 10.78 9.63
CA GLU A 253 -18.42 10.75 9.62
C GLU A 253 -17.78 10.46 10.96
N ILE A 254 -16.46 10.58 11.00
CA ILE A 254 -15.71 10.45 12.23
C ILE A 254 -15.92 11.72 13.07
N LYS A 255 -16.18 11.50 14.34
CA LYS A 255 -16.64 12.59 15.22
C LYS A 255 -15.50 13.23 16.02
N LEU A 256 -14.29 12.70 15.94
CA LEU A 256 -13.19 13.15 16.72
C LEU A 256 -12.35 14.15 15.91
N PRO A 257 -12.30 15.41 16.34
CA PRO A 257 -11.57 16.40 15.53
C PRO A 257 -10.09 16.12 15.36
N GLN A 258 -9.51 15.39 16.31
CA GLN A 258 -8.07 15.07 16.29
C GLN A 258 -7.71 14.08 15.17
N LEU A 259 -8.72 13.49 14.55
CA LEU A 259 -8.51 12.58 13.43
C LEU A 259 -8.61 13.25 12.05
N TYR A 260 -8.75 14.58 12.03
CA TYR A 260 -8.77 15.35 10.80
C TYR A 260 -7.59 16.31 10.74
N CYS A 261 -7.22 16.70 9.53
CA CYS A 261 -6.26 17.79 9.30
C CYS A 261 -6.84 18.73 8.27
N ASP A 262 -6.19 19.88 8.14
CA ASP A 262 -6.51 20.79 7.05
C ASP A 262 -6.02 20.19 5.76
N ILE A 263 -6.88 20.20 4.76
CA ILE A 263 -6.51 19.70 3.42
C ILE A 263 -5.91 20.80 2.56
N PRO A 264 -4.71 20.62 2.08
CA PRO A 264 -4.12 21.68 1.27
C PRO A 264 -4.96 22.00 0.05
N ASP A 265 -5.13 23.28 -0.23
CA ASP A 265 -5.99 23.70 -1.33
C ASP A 265 -5.61 23.01 -2.64
N GLU A 266 -4.30 22.85 -2.92
CA GLU A 266 -3.91 22.27 -4.18
C GLU A 266 -4.41 20.83 -4.30
N ARG A 267 -4.54 20.12 -3.18
CA ARG A 267 -5.07 18.76 -3.21
C ARG A 267 -6.58 18.72 -3.48
N ILE A 268 -7.30 19.75 -3.04
CA ILE A 268 -8.73 19.86 -3.33
CA ILE A 268 -8.73 19.89 -3.35
C ILE A 268 -8.88 20.12 -4.85
N LYS A 269 -8.05 20.99 -5.40
CA LYS A 269 -8.06 21.28 -6.84
C LYS A 269 -7.71 20.03 -7.66
N GLN A 270 -6.68 19.32 -7.24
CA GLN A 270 -6.30 18.08 -7.92
C GLN A 270 -7.43 17.07 -7.88
N ALA A 271 -8.12 16.95 -6.74
CA ALA A 271 -9.29 16.05 -6.65
C ALA A 271 -10.41 16.42 -7.64
N LYS A 272 -10.65 17.72 -7.83
CA LYS A 272 -11.59 18.16 -8.85
C LYS A 272 -11.20 17.67 -10.24
N GLN A 273 -9.93 17.81 -10.55
CA GLN A 273 -9.41 17.43 -11.86
C GLN A 273 -9.48 15.92 -12.01
N CYS A 274 -9.14 15.18 -10.96
CA CYS A 274 -9.19 13.72 -11.07
CA CYS A 274 -9.18 13.71 -10.99
C CYS A 274 -10.62 13.22 -11.21
N ALA A 275 -11.56 13.92 -10.60
CA ALA A 275 -12.98 13.55 -10.76
C ALA A 275 -13.40 13.71 -12.20
N GLU A 276 -12.90 14.75 -12.86
CA GLU A 276 -13.18 14.96 -14.28
CA GLU A 276 -13.17 14.98 -14.29
CA GLU A 276 -13.18 14.97 -14.27
C GLU A 276 -12.53 13.87 -15.13
N ILE A 277 -11.30 13.48 -14.80
CA ILE A 277 -10.60 12.44 -15.55
C ILE A 277 -11.34 11.10 -15.41
N LEU A 278 -11.69 10.76 -14.17
CA LEU A 278 -12.22 9.40 -13.88
C LEU A 278 -13.73 9.27 -14.07
N GLY A 279 -14.46 10.35 -13.83
CA GLY A 279 -15.91 10.30 -13.84
C GLY A 279 -16.40 9.27 -12.85
N GLU A 280 -17.35 8.45 -13.27
CA GLU A 280 -17.93 7.49 -12.35
C GLU A 280 -16.95 6.40 -11.94
N GLN A 281 -15.79 6.28 -12.62
CA GLN A 281 -14.83 5.29 -12.20
CA GLN A 281 -14.72 5.33 -12.24
C GLN A 281 -14.11 5.66 -10.90
N VAL A 282 -14.43 6.81 -10.31
CA VAL A 282 -14.08 7.06 -8.93
C VAL A 282 -14.60 5.93 -8.05
N TYR A 283 -15.79 5.43 -8.37
CA TYR A 283 -16.44 4.38 -7.54
C TYR A 283 -17.03 3.20 -8.27
N SER A 284 -17.19 3.26 -9.58
CA SER A 284 -18.03 2.27 -10.27
C SER A 284 -17.40 0.87 -10.31
N GLU A 285 -16.09 0.79 -10.08
CA GLU A 285 -15.40 -0.46 -10.34
C GLU A 285 -15.13 -1.24 -9.07
N PHE A 286 -15.65 -0.76 -7.95
CA PHE A 286 -15.72 -1.62 -6.74
C PHE A 286 -16.68 -2.76 -7.02
N PRO A 287 -16.49 -3.90 -6.31
CA PRO A 287 -17.36 -5.06 -6.55
C PRO A 287 -18.72 -4.99 -5.86
N TRP A 288 -19.50 -4.00 -6.22
CA TRP A 288 -20.83 -3.77 -5.63
C TRP A 288 -21.73 -4.97 -5.87
N ILE A 289 -22.50 -5.29 -4.84
CA ILE A 289 -23.50 -6.32 -4.91
C ILE A 289 -24.79 -5.66 -5.34
N ASP A 290 -25.46 -6.28 -6.30
CA ASP A 290 -26.74 -5.79 -6.79
C ASP A 290 -26.67 -4.27 -7.14
N SER A 291 -27.57 -3.44 -6.55
CA SER A 291 -27.63 -2.01 -6.86
CA SER A 291 -27.60 -2.01 -6.88
C SER A 291 -26.95 -1.15 -5.78
N ALA A 292 -26.08 -1.75 -4.98
CA ALA A 292 -25.38 -0.99 -3.94
C ALA A 292 -24.59 0.21 -4.51
N LYS A 293 -24.57 1.28 -3.71
CA LYS A 293 -24.00 2.55 -4.16
CA LYS A 293 -24.10 2.62 -4.10
C LYS A 293 -23.04 3.10 -3.13
N PRO A 294 -22.21 4.07 -3.55
CA PRO A 294 -21.27 4.69 -2.62
C PRO A 294 -21.97 5.62 -1.65
N VAL A 295 -21.21 6.09 -0.67
CA VAL A 295 -21.79 6.77 0.48
C VAL A 295 -22.41 8.09 0.11
N ILE A 296 -21.85 8.71 -0.92
CA ILE A 296 -22.39 9.93 -1.53
C ILE A 296 -22.12 9.88 -3.04
N GLN A 297 -22.73 10.78 -3.80
CA GLN A 297 -22.57 10.76 -5.26
C GLN A 297 -21.50 11.72 -5.77
N ASP A 298 -21.09 12.71 -4.96
CA ASP A 298 -20.15 13.73 -5.44
C ASP A 298 -18.77 13.16 -5.60
N LYS A 299 -18.29 13.12 -6.84
CA LYS A 299 -17.05 12.41 -7.16
C LYS A 299 -15.83 13.04 -6.51
N GLN A 300 -15.73 14.37 -6.53
CA GLN A 300 -14.59 15.05 -5.89
C GLN A 300 -14.57 14.74 -4.37
N GLN A 301 -15.72 14.82 -3.73
CA GLN A 301 -15.82 14.52 -2.29
CA GLN A 301 -15.81 14.53 -2.29
C GLN A 301 -15.51 13.06 -1.99
N LEU A 302 -15.89 12.15 -2.88
CA LEU A 302 -15.52 10.75 -2.67
C LEU A 302 -14.01 10.61 -2.68
N ILE A 303 -13.34 11.25 -3.64
CA ILE A 303 -11.87 11.19 -3.72
C ILE A 303 -11.28 11.72 -2.41
N LEU A 304 -11.80 12.85 -1.92
CA LEU A 304 -11.27 13.40 -0.70
C LEU A 304 -11.61 12.51 0.54
N ASN A 305 -12.79 11.87 0.55
CA ASN A 305 -13.09 10.89 1.60
C ASN A 305 -12.04 9.80 1.69
N ARG A 306 -11.59 9.33 0.53
CA ARG A 306 -10.70 8.23 0.39
C ARG A 306 -9.26 8.61 0.67
N THR A 307 -8.92 9.89 0.54
CA THR A 307 -7.52 10.30 0.54
C THR A 307 -7.14 11.22 1.68
N TRP A 308 -8.07 12.06 2.12
CA TRP A 308 -7.77 13.15 3.04
C TRP A 308 -8.62 13.18 4.31
N ARG A 309 -9.46 12.15 4.51
CA ARG A 309 -10.35 12.06 5.65
CA ARG A 309 -10.37 12.06 5.64
C ARG A 309 -10.21 10.70 6.32
N PRO A 310 -10.44 10.65 7.62
CA PRO A 310 -10.40 9.41 8.35
C PRO A 310 -11.56 8.53 7.96
N ALA A 311 -11.37 7.23 8.17
CA ALA A 311 -12.44 6.28 7.87
C ALA A 311 -12.19 5.02 8.64
N LEU A 312 -13.28 4.47 9.22
CA LEU A 312 -13.26 3.24 10.05
C LEU A 312 -13.76 2.02 9.31
N THR A 313 -13.05 0.91 9.49
CA THR A 313 -13.57 -0.39 9.11
CA THR A 313 -13.42 -0.41 9.02
C THR A 313 -13.39 -1.37 10.24
N VAL A 314 -14.40 -2.22 10.42
CA VAL A 314 -14.32 -3.26 11.44
C VAL A 314 -13.88 -4.52 10.75
N THR A 315 -12.67 -4.95 11.08
CA THR A 315 -11.99 -5.97 10.26
C THR A 315 -11.92 -7.36 10.88
N GLY A 316 -12.36 -7.53 12.14
CA GLY A 316 -12.36 -8.82 12.78
C GLY A 316 -13.10 -8.72 14.11
N ALA A 317 -13.33 -9.86 14.74
CA ALA A 317 -14.02 -9.92 16.00
C ALA A 317 -13.69 -11.17 16.75
N ASP A 318 -13.69 -11.07 18.05
CA ASP A 318 -13.64 -12.25 18.93
C ASP A 318 -14.83 -12.22 19.88
N GLY A 319 -15.19 -13.39 20.38
CA GLY A 319 -16.27 -13.46 21.37
C GLY A 319 -17.61 -13.84 20.81
N PHE A 320 -17.67 -14.20 19.53
CA PHE A 320 -18.96 -14.59 18.92
C PHE A 320 -18.94 -16.04 18.48
N PRO A 321 -19.87 -16.83 19.00
CA PRO A 321 -19.99 -18.16 18.33
C PRO A 321 -20.53 -18.05 16.91
N ALA A 322 -20.23 -19.03 16.05
CA ALA A 322 -20.81 -19.11 14.73
C ALA A 322 -22.33 -19.20 14.89
N ILE A 323 -23.07 -18.60 13.95
CA ILE A 323 -24.50 -18.50 14.10
C ILE A 323 -25.17 -19.88 14.16
N ALA A 324 -24.77 -20.79 13.28
CA ALA A 324 -25.33 -22.15 13.33
C ALA A 324 -25.00 -22.88 14.67
N ASP A 325 -23.88 -22.55 15.30
CA ASP A 325 -23.48 -23.16 16.56
C ASP A 325 -24.31 -22.64 17.75
N ALA A 326 -24.67 -21.37 17.65
CA ALA A 326 -25.06 -20.58 18.81
C ALA A 326 -26.40 -20.99 19.43
N GLY A 327 -26.46 -20.98 20.76
CA GLY A 327 -27.73 -20.91 21.46
C GLY A 327 -28.17 -19.47 21.62
N ASN A 328 -28.83 -19.18 22.73
CA ASN A 328 -29.32 -17.84 23.03
C ASN A 328 -28.61 -17.18 24.20
N VAL A 329 -27.46 -17.72 24.60
CA VAL A 329 -26.81 -17.21 25.80
C VAL A 329 -26.33 -15.78 25.56
N MSE A 330 -26.55 -14.94 26.55
CA MSE A 330 -25.93 -13.65 26.55
C MSE A 330 -24.42 -13.83 26.74
O MSE A 330 -23.97 -14.36 27.75
CB MSE A 330 -26.49 -12.75 27.65
CG MSE A 330 -25.83 -11.41 27.67
SE MSE A 330 -26.51 -10.17 29.00
CE MSE A 330 -28.10 -9.61 28.07
N ARG A 331 -23.67 -13.33 25.78
CA ARG A 331 -22.21 -13.51 25.73
C ARG A 331 -21.47 -12.66 26.74
N PRO A 332 -20.36 -13.19 27.31
CA PRO A 332 -19.60 -12.42 28.25
C PRO A 332 -18.82 -11.24 27.65
N VAL A 333 -18.29 -11.38 26.43
CA VAL A 333 -17.44 -10.35 25.90
CA VAL A 333 -17.32 -10.45 25.85
C VAL A 333 -17.66 -10.12 24.41
N THR A 334 -17.58 -8.84 24.04
CA THR A 334 -17.56 -8.42 22.64
C THR A 334 -16.21 -7.74 22.41
N SER A 335 -15.46 -8.26 21.44
CA SER A 335 -14.21 -7.67 21.01
C SER A 335 -14.25 -7.46 19.51
N LEU A 336 -13.92 -6.25 19.09
CA LEU A 336 -13.92 -5.85 17.67
C LEU A 336 -12.58 -5.26 17.29
N LYS A 337 -12.10 -5.63 16.11
CA LYS A 337 -10.89 -5.02 15.58
C LYS A 337 -11.31 -3.82 14.73
N LEU A 338 -10.78 -2.64 15.10
CA LEU A 338 -11.08 -1.40 14.46
C LEU A 338 -9.85 -0.92 13.70
N SER A 339 -10.03 -0.69 12.39
N SER A 339 -10.00 -0.70 12.38
CA SER A 339 -8.96 -0.22 11.51
CA SER A 339 -8.92 -0.18 11.57
C SER A 339 -9.34 1.20 11.04
C SER A 339 -9.34 1.20 11.06
N MSE A 340 -8.58 2.20 11.49
CA MSE A 340 -8.90 3.61 11.21
C MSE A 340 -7.84 4.19 10.27
O MSE A 340 -6.66 4.33 10.66
CB MSE A 340 -8.90 4.40 12.50
CG MSE A 340 -9.28 5.87 12.32
SE MSE A 340 -11.12 6.19 11.88
CE MSE A 340 -11.82 5.97 13.70
N ARG A 341 -8.21 4.48 9.02
CA ARG A 341 -7.32 5.23 8.15
C ARG A 341 -7.31 6.66 8.65
N LEU A 342 -6.14 7.31 8.53
CA LEU A 342 -5.92 8.70 8.98
C LEU A 342 -5.55 9.57 7.80
N PRO A 343 -5.99 10.82 7.83
CA PRO A 343 -5.50 11.76 6.80
C PRO A 343 -3.98 11.84 6.80
N PRO A 344 -3.39 12.19 5.66
CA PRO A 344 -1.91 12.22 5.54
C PRO A 344 -1.14 12.93 6.64
N LEU A 345 -1.66 14.03 7.18
CA LEU A 345 -0.94 14.86 8.09
C LEU A 345 -1.26 14.60 9.57
N VAL A 346 -2.16 13.67 9.87
CA VAL A 346 -2.51 13.41 11.23
C VAL A 346 -1.47 12.53 11.94
N ASP A 347 -1.10 12.93 13.15
CA ASP A 347 -0.13 12.21 13.97
C ASP A 347 -0.82 10.97 14.57
N PRO A 348 -0.32 9.78 14.30
CA PRO A 348 -0.99 8.60 14.81
C PRO A 348 -1.00 8.53 16.35
N GLU A 349 0.01 9.09 17.00
CA GLU A 349 0.01 9.09 18.48
C GLU A 349 -1.15 9.95 19.01
N ALA A 350 -1.32 11.16 18.49
CA ALA A 350 -2.40 12.04 18.92
C ALA A 350 -3.77 11.40 18.62
N ALA A 351 -3.90 10.79 17.44
CA ALA A 351 -5.14 10.12 17.06
C ALA A 351 -5.42 8.92 17.97
N SER A 352 -4.39 8.17 18.33
CA SER A 352 -4.49 7.02 19.24
C SER A 352 -5.03 7.44 20.61
N VAL A 353 -4.43 8.50 21.18
CA VAL A 353 -4.86 9.04 22.47
C VAL A 353 -6.31 9.49 22.41
N ALA A 354 -6.70 10.18 21.33
CA ALA A 354 -8.07 10.62 21.20
C ALA A 354 -9.04 9.45 21.09
N MSE A 355 -8.70 8.45 20.29
CA MSE A 355 -9.58 7.28 20.16
C MSE A 355 -9.72 6.51 21.49
O MSE A 355 -10.83 6.18 21.89
CB MSE A 355 -9.04 6.29 19.14
CG MSE A 355 -9.25 6.72 17.72
SE MSE A 355 -8.73 5.36 16.47
CE MSE A 355 -10.24 4.24 16.62
N GLU A 356 -8.61 6.25 22.16
CA GLU A 356 -8.64 5.54 23.44
CA GLU A 356 -8.60 5.56 23.46
CA GLU A 356 -8.68 5.52 23.43
C GLU A 356 -9.50 6.28 24.45
N LYS A 357 -9.35 7.60 24.53
CA LYS A 357 -10.13 8.36 25.51
C LYS A 357 -11.62 8.35 25.17
N ALA A 358 -11.95 8.59 23.90
CA ALA A 358 -13.32 8.66 23.49
C ALA A 358 -14.02 7.30 23.76
N LEU A 359 -13.34 6.20 23.46
CA LEU A 359 -13.96 4.86 23.54
C LEU A 359 -14.06 4.34 24.97
N THR A 360 -13.17 4.78 25.84
CA THR A 360 -13.06 4.19 27.20
C THR A 360 -13.55 5.05 28.34
N GLN A 361 -13.62 6.37 28.17
CA GLN A 361 -14.07 7.21 29.28
C GLN A 361 -15.57 7.02 29.57
N ASN A 362 -15.97 7.17 30.85
CA ASN A 362 -17.38 7.16 31.23
C ASN A 362 -18.10 5.94 30.64
N PRO A 363 -17.57 4.76 30.94
CA PRO A 363 -18.13 3.56 30.34
C PRO A 363 -19.62 3.36 30.68
N PRO A 364 -20.46 3.09 29.69
CA PRO A 364 -21.88 2.80 29.94
C PRO A 364 -22.03 1.67 30.99
N TYR A 365 -22.81 1.94 32.01
CA TYR A 365 -23.12 0.97 33.06
C TYR A 365 -21.89 0.50 33.83
N ASN A 366 -20.83 1.30 33.80
CA ASN A 366 -19.57 0.90 34.39
C ASN A 366 -19.06 -0.42 33.81
N ALA A 367 -19.35 -0.65 32.53
CA ALA A 367 -18.75 -1.76 31.81
C ALA A 367 -17.24 -1.71 31.88
N LYS A 368 -16.61 -2.88 31.78
CA LYS A 368 -15.16 -2.96 31.58
C LYS A 368 -14.88 -2.80 30.10
N VAL A 369 -14.21 -1.70 29.75
CA VAL A 369 -13.94 -1.36 28.37
C VAL A 369 -12.43 -1.10 28.19
N ASP A 370 -11.85 -1.67 27.15
CA ASP A 370 -10.44 -1.47 26.79
CA ASP A 370 -10.48 -1.32 26.80
C ASP A 370 -10.39 -1.15 25.30
N PHE A 371 -9.48 -0.26 24.91
CA PHE A 371 -9.13 -0.10 23.53
C PHE A 371 -7.60 -0.12 23.44
N LYS A 372 -7.10 -1.20 22.88
CA LYS A 372 -5.66 -1.49 22.84
C LYS A 372 -5.20 -1.32 21.41
N ILE A 373 -4.35 -0.30 21.19
CA ILE A 373 -3.83 -0.06 19.86
C ILE A 373 -2.69 -1.03 19.54
N GLN A 374 -2.65 -1.52 18.32
CA GLN A 374 -1.46 -2.28 17.87
C GLN A 374 -0.29 -1.32 17.65
N ASN A 375 0.87 -1.68 18.22
N ASN A 375 0.94 -1.68 18.03
CA ASN A 375 2.11 -1.01 17.91
CA ASN A 375 2.15 -1.08 17.40
C ASN A 375 2.34 -1.16 16.42
C ASN A 375 2.30 0.46 17.18
N GLY A 376 3.06 -0.22 15.83
N GLY A 376 1.31 1.26 17.56
CA GLY A 376 3.27 -0.21 14.39
CA GLY A 376 1.44 2.71 17.47
C GLY A 376 2.19 0.58 13.70
C GLY A 376 1.06 3.35 16.15
N GLY A 377 1.61 1.54 14.43
N GLY A 377 0.98 2.55 15.09
CA GLY A 377 0.63 2.49 13.87
CA GLY A 377 0.41 3.00 13.80
C GLY A 377 1.37 3.63 13.18
C GLY A 377 1.39 3.24 12.65
N SER A 378 0.95 3.95 11.97
N SER A 378 0.89 3.65 11.49
CA SER A 378 1.85 4.66 11.06
CA SER A 378 1.71 4.48 10.60
C SER A 378 1.18 5.81 10.36
C SER A 378 1.11 5.89 10.41
N LYS A 379 1.99 6.86 10.26
CA LYS A 379 1.58 8.17 9.76
C LYS A 379 1.57 8.08 8.22
N GLY A 380 0.71 8.87 7.65
CA GLY A 380 0.65 9.06 6.22
C GLY A 380 1.72 10.02 5.72
N TRP A 381 1.52 10.49 4.48
CA TRP A 381 2.53 11.23 3.78
C TRP A 381 1.83 12.17 2.84
N ASN A 382 2.37 13.37 2.72
CA ASN A 382 1.93 14.35 1.71
C ASN A 382 3.13 14.78 0.89
N ALA A 383 2.99 14.80 -0.45
CA ALA A 383 4.10 15.14 -1.32
C ALA A 383 4.60 16.54 -1.04
N PRO A 384 5.91 16.74 -1.16
CA PRO A 384 6.49 18.06 -1.06
C PRO A 384 6.19 18.90 -2.31
N LEU A 385 6.55 20.16 -2.29
CA LEU A 385 6.39 21.00 -3.48
C LEU A 385 7.06 20.31 -4.68
N LEU A 386 6.33 20.16 -5.76
CA LEU A 386 6.83 19.41 -6.93
C LEU A 386 7.85 20.25 -7.69
N SER A 387 9.04 19.70 -7.90
CA SER A 387 10.08 20.39 -8.65
CA SER A 387 10.09 20.38 -8.67
C SER A 387 9.68 20.48 -10.13
N ASP A 388 10.02 21.60 -10.78
CA ASP A 388 9.73 21.75 -12.20
C ASP A 388 10.29 20.62 -13.08
N TRP A 389 11.49 20.13 -12.79
CA TRP A 389 12.09 19.09 -13.65
C TRP A 389 11.26 17.77 -13.60
N LEU A 390 10.72 17.47 -12.44
CA LEU A 390 9.95 16.23 -12.28
C LEU A 390 8.55 16.37 -12.85
N ALA A 391 7.89 17.53 -12.66
CA ALA A 391 6.63 17.78 -13.32
C ALA A 391 6.76 17.63 -14.86
N LYS A 392 7.83 18.19 -15.41
CA LYS A 392 8.08 18.10 -16.84
CA LYS A 392 8.10 18.08 -16.84
C LYS A 392 8.38 16.65 -17.27
N ALA A 393 9.21 15.96 -16.50
CA ALA A 393 9.60 14.60 -16.81
C ALA A 393 8.41 13.65 -16.76
N ALA A 394 7.58 13.79 -15.74
CA ALA A 394 6.39 12.96 -15.62
C ALA A 394 5.42 13.22 -16.76
N SER A 395 5.23 14.49 -17.10
CA SER A 395 4.34 14.83 -18.19
C SER A 395 4.87 14.27 -19.52
N GLU A 396 6.15 14.49 -19.76
CA GLU A 396 6.78 14.01 -20.99
C GLU A 396 6.74 12.48 -21.08
N ALA A 397 7.00 11.81 -19.98
CA ALA A 397 7.00 10.35 -19.96
C ALA A 397 5.61 9.85 -20.25
N SER A 398 4.62 10.40 -19.58
CA SER A 398 3.23 9.96 -19.77
C SER A 398 2.79 10.22 -21.24
N MSE A 399 3.10 11.38 -21.77
CA MSE A 399 2.68 11.66 -23.14
C MSE A 399 3.37 10.73 -24.13
O MSE A 399 2.75 10.31 -25.14
CB MSE A 399 2.93 13.13 -23.50
CG MSE A 399 1.97 14.09 -22.81
SE MSE A 399 0.15 13.99 -23.41
CE MSE A 399 0.40 14.14 -25.34
N THR A 400 4.61 10.40 -23.85
CA THR A 400 5.40 9.55 -24.71
C THR A 400 4.85 8.12 -24.77
N TYR A 401 4.57 7.54 -23.61
CA TYR A 401 4.24 6.10 -23.52
C TYR A 401 2.74 5.81 -23.47
N TYR A 402 1.94 6.77 -23.02
CA TYR A 402 0.48 6.63 -22.96
C TYR A 402 -0.30 7.55 -23.89
N ASP A 403 0.37 8.57 -24.42
CA ASP A 403 -0.28 9.65 -25.20
C ASP A 403 -1.37 10.36 -24.40
N LYS A 404 -1.17 10.45 -23.08
CA LYS A 404 -2.08 11.18 -22.20
C LYS A 404 -1.24 11.84 -21.12
N PRO A 405 -1.73 12.97 -20.56
CA PRO A 405 -0.98 13.67 -19.53
C PRO A 405 -0.85 12.83 -18.26
N ALA A 406 0.19 13.10 -17.48
CA ALA A 406 0.29 12.55 -16.12
C ALA A 406 -0.85 13.08 -15.27
N ALA A 407 -1.34 12.22 -14.39
CA ALA A 407 -2.42 12.59 -13.51
C ALA A 407 -1.96 12.44 -12.07
N TYR A 408 -2.48 13.30 -11.19
CA TYR A 408 -2.03 13.43 -9.82
C TYR A 408 -3.19 13.12 -8.88
N MSE A 409 -2.96 12.11 -8.02
N MSE A 409 -3.05 12.12 -8.03
CA MSE A 409 -3.97 11.48 -7.17
CA MSE A 409 -4.09 11.79 -7.07
C MSE A 409 -3.43 11.24 -5.77
C MSE A 409 -3.54 11.15 -5.82
O MSE A 409 -2.25 10.90 -5.62
O MSE A 409 -2.52 10.43 -5.85
CB MSE A 409 -4.35 10.09 -7.75
CB MSE A 409 -5.13 10.86 -7.71
CG MSE A 409 -3.19 9.05 -7.89
CG MSE A 409 -6.36 10.63 -6.86
SE MSE A 409 -3.92 7.28 -8.40
SE MSE A 409 -7.80 9.82 -7.86
CE MSE A 409 -3.80 6.37 -6.68
CE MSE A 409 -7.09 8.07 -8.16
N GLY A 410 -4.27 11.35 -4.72
CA GLY A 410 -3.95 10.70 -3.46
C GLY A 410 -4.21 9.19 -3.52
N GLU A 411 -3.59 8.48 -2.60
CA GLU A 411 -3.78 7.02 -2.41
C GLU A 411 -4.40 6.82 -1.05
N GLY A 412 -5.42 5.98 -1.01
CA GLY A 412 -6.11 5.71 0.22
C GLY A 412 -5.42 4.76 1.18
N GLY A 413 -4.54 3.94 0.66
CA GLY A 413 -3.71 3.08 1.52
C GLY A 413 -2.49 3.72 2.15
N THR A 414 -1.62 2.88 2.71
CA THR A 414 -0.61 3.33 3.63
C THR A 414 0.72 2.66 3.27
N ILE A 415 1.80 3.44 3.11
CA ILE A 415 3.14 2.84 2.87
C ILE A 415 4.08 3.50 3.88
N PRO A 416 4.28 2.88 5.06
CA PRO A 416 5.00 3.48 6.16
C PRO A 416 6.36 4.08 5.82
N PHE A 417 7.09 3.43 4.92
CA PHE A 417 8.42 3.92 4.61
C PHE A 417 8.42 5.31 3.97
N MSE A 418 7.35 5.65 3.26
CA MSE A 418 7.33 6.98 2.63
C MSE A 418 7.30 8.11 3.66
O MSE A 418 8.01 9.11 3.47
CB MSE A 418 6.18 7.10 1.64
CG MSE A 418 6.21 6.05 0.57
SE MSE A 418 7.79 6.20 -0.60
CE MSE A 418 8.76 4.69 0.09
N SER A 419 6.53 7.93 4.72
CA SER A 419 6.53 8.89 5.82
C SER A 419 7.95 9.00 6.46
N MSE A 420 8.58 7.84 6.66
CA MSE A 420 9.95 7.81 7.20
C MSE A 420 10.92 8.60 6.34
O MSE A 420 11.70 9.44 6.84
CB MSE A 420 10.46 6.35 7.34
CG MSE A 420 9.66 5.48 8.31
SE MSE A 420 9.99 3.57 8.22
CE MSE A 420 11.90 3.59 8.30
N LEU A 421 10.88 8.35 5.02
CA LEU A 421 11.77 9.05 4.11
C LEU A 421 11.47 10.54 4.02
N GLY A 422 10.19 10.90 4.04
CA GLY A 422 9.83 12.32 3.89
C GLY A 422 10.34 13.11 5.11
N GLU A 423 10.31 12.47 6.30
CA GLU A 423 10.85 13.09 7.51
C GLU A 423 12.38 13.16 7.49
N GLN A 424 13.03 12.08 7.04
CA GLN A 424 14.50 12.00 7.04
C GLN A 424 15.12 12.88 5.98
N PHE A 425 14.42 13.01 4.85
CA PHE A 425 14.96 13.70 3.66
C PHE A 425 13.97 14.74 3.13
N PRO A 426 13.85 15.87 3.84
CA PRO A 426 12.86 16.86 3.48
C PRO A 426 13.06 17.52 2.13
N LYS A 427 14.26 17.44 1.55
CA LYS A 427 14.48 17.96 0.23
C LYS A 427 14.33 16.94 -0.91
N ALA A 428 14.08 15.66 -0.59
CA ALA A 428 13.85 14.67 -1.65
C ALA A 428 12.55 14.93 -2.44
N GLN A 429 12.60 14.61 -3.73
CA GLN A 429 11.42 14.54 -4.55
C GLN A 429 10.96 13.09 -4.57
N PHE A 430 9.70 12.84 -4.88
CA PHE A 430 9.12 11.51 -4.91
C PHE A 430 8.41 11.22 -6.21
N MSE A 431 8.59 10.00 -6.66
CA MSE A 431 7.77 9.39 -7.69
C MSE A 431 7.19 8.12 -7.11
O MSE A 431 7.78 7.03 -7.20
CB MSE A 431 8.59 9.06 -8.92
CG MSE A 431 7.78 8.48 -10.05
SE MSE A 431 8.89 7.96 -11.59
CE MSE A 431 7.50 7.70 -12.92
N ILE A 432 6.01 8.24 -6.53
CA ILE A 432 5.26 7.11 -5.93
C ILE A 432 4.19 6.79 -6.92
N THR A 433 4.20 5.60 -7.49
CA THR A 433 3.34 5.29 -8.59
C THR A 433 3.07 3.80 -8.56
N GLY A 434 2.36 3.32 -9.57
CA GLY A 434 2.05 1.87 -9.61
C GLY A 434 0.99 1.46 -10.58
N VAL A 435 0.57 0.22 -10.38
CA VAL A 435 -0.22 -0.51 -11.34
C VAL A 435 -1.56 -0.96 -10.76
N LEU A 436 -1.88 -0.54 -9.54
CA LEU A 436 -3.08 -1.05 -8.88
C LEU A 436 -4.31 -0.25 -9.29
N GLY A 437 -4.74 -0.49 -10.51
CA GLY A 437 -5.91 0.16 -11.04
C GLY A 437 -7.17 -0.63 -10.77
N PRO A 438 -8.25 -0.22 -11.42
CA PRO A 438 -9.53 -0.90 -11.21
C PRO A 438 -9.43 -2.40 -11.41
N HIS A 439 -10.02 -3.13 -10.48
CA HIS A 439 -10.09 -4.60 -10.49
C HIS A 439 -8.77 -5.32 -10.22
N SER A 440 -7.68 -4.56 -10.00
CA SER A 440 -6.37 -5.21 -9.77
C SER A 440 -6.36 -6.02 -8.52
N ASN A 441 -7.19 -5.65 -7.55
CA ASN A 441 -7.47 -6.51 -6.42
C ASN A 441 -6.28 -6.90 -5.54
N ALA A 442 -5.38 -5.98 -5.30
CA ALA A 442 -4.40 -6.18 -4.24
C ALA A 442 -5.16 -6.45 -2.94
N HIS A 443 -4.68 -7.37 -2.15
CA HIS A 443 -5.31 -7.75 -0.87
C HIS A 443 -6.65 -8.46 -1.07
N GLY A 444 -6.93 -8.91 -2.28
CA GLY A 444 -8.18 -9.53 -2.61
C GLY A 444 -8.03 -10.75 -3.49
N PRO A 445 -9.15 -11.39 -3.80
CA PRO A 445 -9.08 -12.51 -4.69
C PRO A 445 -8.80 -12.01 -6.11
N ASN A 446 -8.26 -12.86 -6.97
CA ASN A 446 -8.13 -12.55 -8.37
C ASN A 446 -7.28 -11.30 -8.64
N GLU A 447 -6.25 -11.14 -7.82
CA GLU A 447 -5.24 -10.10 -8.02
C GLU A 447 -4.61 -10.28 -9.38
N PHE A 448 -4.44 -9.15 -10.08
CA PHE A 448 -3.70 -9.18 -11.36
C PHE A 448 -2.76 -8.00 -11.54
N LEU A 449 -1.69 -8.29 -12.29
CA LEU A 449 -0.77 -7.31 -12.84
C LEU A 449 -1.13 -7.06 -14.32
N HIS A 450 -1.45 -5.82 -14.63
CA HIS A 450 -1.79 -5.40 -15.99
C HIS A 450 -0.50 -5.21 -16.81
N LEU A 451 -0.28 -6.07 -17.80
CA LEU A 451 1.05 -6.14 -18.42
C LEU A 451 1.35 -4.96 -19.33
N ASP A 452 0.33 -4.48 -20.06
CA ASP A 452 0.50 -3.28 -20.86
C ASP A 452 0.85 -2.10 -19.94
N MSE A 453 0.12 -1.97 -18.83
CA MSE A 453 0.34 -0.90 -17.91
C MSE A 453 1.77 -0.93 -17.36
O MSE A 453 2.45 0.08 -17.27
CB MSE A 453 -0.67 -0.95 -16.76
CG MSE A 453 -0.47 0.15 -15.73
SE MSE A 453 -0.98 1.87 -16.44
CE MSE A 453 -0.83 2.93 -14.80
N VAL A 454 2.24 -2.11 -16.98
CA VAL A 454 3.52 -2.21 -16.31
C VAL A 454 4.68 -1.98 -17.27
N LYS A 455 4.50 -2.34 -18.54
CA LYS A 455 5.55 -2.05 -19.55
C LYS A 455 5.68 -0.54 -19.74
N LYS A 456 4.56 0.14 -19.85
CA LYS A 456 4.55 1.56 -20.04
C LYS A 456 5.05 2.25 -18.77
N LEU A 457 4.66 1.75 -17.61
CA LEU A 457 5.11 2.35 -16.36
C LEU A 457 6.61 2.19 -16.16
N THR A 458 7.15 1.03 -16.49
CA THR A 458 8.59 0.79 -16.34
C THR A 458 9.33 1.77 -17.26
N SER A 459 8.77 1.99 -18.46
CA SER A 459 9.33 3.00 -19.36
C SER A 459 9.31 4.41 -18.81
N CYS A 460 8.21 4.75 -18.16
CA CYS A 460 8.13 6.07 -17.50
C CYS A 460 9.17 6.23 -16.43
N VAL A 461 9.40 5.20 -15.62
CA VAL A 461 10.37 5.26 -14.58
C VAL A 461 11.76 5.47 -15.19
N SER A 462 12.07 4.76 -16.27
CA SER A 462 13.33 4.88 -16.93
C SER A 462 13.54 6.30 -17.51
N TYR A 463 12.46 6.82 -18.07
CA TYR A 463 12.45 8.17 -18.64
C TYR A 463 12.71 9.20 -17.53
N VAL A 464 12.04 9.04 -16.40
CA VAL A 464 12.27 9.96 -15.29
C VAL A 464 13.69 9.87 -14.75
N LEU A 465 14.26 8.68 -14.70
CA LEU A 465 15.66 8.50 -14.28
CA LEU A 465 15.63 8.49 -14.28
C LEU A 465 16.62 9.17 -15.26
N TYR A 466 16.35 9.04 -16.55
CA TYR A 466 17.13 9.78 -17.54
C TYR A 466 16.96 11.30 -17.32
N SER A 467 15.74 11.75 -17.13
CA SER A 467 15.48 13.19 -16.89
C SER A 467 16.23 13.72 -15.67
N PHE A 468 16.22 12.92 -14.58
CA PHE A 468 16.95 13.25 -13.37
C PHE A 468 18.43 13.53 -13.70
N SER A 469 18.98 12.69 -14.57
CA SER A 469 20.38 12.79 -14.98
C SER A 469 20.68 14.10 -15.66
N GLN A 470 19.67 14.73 -16.27
CA GLN A 470 19.83 15.96 -17.07
C GLN A 470 19.52 17.28 -16.35
N LYS A 471 19.00 17.25 -15.12
CA LYS A 471 18.50 18.48 -14.54
C LYS A 471 19.65 19.44 -14.14
ZN ZN B . 2.34 -3.31 -1.57
ZN ZN C . -0.25 -4.74 -0.16
ZN ZN D . 13.24 -19.51 -7.93
ZN ZN E . -5.41 3.45 -4.54
CL CL F . -6.93 4.46 -3.32
CL CL G . -6.44 -4.16 3.36
CL CL H . 13.29 -20.66 -9.85
CL CL I . 11.76 -20.20 -6.39
CL CL J . 16.99 16.04 2.31
CL CL K . -2.56 -0.23 3.03
CL CL L . -11.06 -18.91 -3.21
CL CL M . 0.31 -16.91 12.23
N1 IMD N . -5.36 1.37 -4.25
C2 IMD N . -5.63 0.61 -5.33
N3 IMD N . -5.61 -0.68 -4.92
C4 IMD N . -5.32 -0.75 -3.62
C5 IMD N . -5.18 0.56 -3.17
C1 PEG O . 2.01 19.21 -12.47
O1 PEG O . 2.10 19.03 -13.89
C2 PEG O . 0.59 19.60 -12.06
O2 PEG O . 0.20 18.90 -10.86
C3 PEG O . -1.23 18.91 -10.61
C4 PEG O . -2.06 18.45 -11.82
O4 PEG O . -3.36 17.99 -11.42
C1 GOL P . -24.65 6.22 28.23
O1 GOL P . -23.75 5.19 28.40
C2 GOL P . -25.94 5.78 28.87
O2 GOL P . -26.95 6.29 28.03
C3 GOL P . -26.03 4.27 29.09
O3 GOL P . -26.02 3.52 27.89
C1 GOL Q . -16.92 9.01 4.49
O1 GOL Q . -16.85 8.05 5.53
C2 GOL Q . -16.94 10.46 5.00
O2 GOL Q . -15.70 10.80 5.58
C3 GOL Q . -18.09 10.72 5.97
O3 GOL Q . -18.03 12.04 6.49
C1 GOL R . 23.02 -13.60 -2.17
O1 GOL R . 22.42 -13.77 -3.45
C2 GOL R . 24.07 -12.49 -2.26
O2 GOL R . 25.07 -12.85 -3.20
C3 GOL R . 24.70 -12.23 -0.90
O3 GOL R . 23.73 -11.78 0.03
C1 GOL S . -1.14 -1.14 -1.89
O1 GOL S . -1.35 -1.67 -0.60
C2 GOL S . -0.68 0.29 -1.64
O2 GOL S . 0.55 0.15 -0.97
C3 GOL S . -1.50 1.06 -0.64
O3 GOL S . -2.86 1.02 -0.94
C1 GOL T . 24.72 10.75 5.30
O1 GOL T . 24.91 10.41 3.95
C2 GOL T . 23.61 9.91 5.95
O2 GOL T . 23.89 9.72 7.34
C3 GOL T . 22.26 10.60 5.72
O3 GOL T . 21.20 9.85 6.28
C1 GOL U . 7.68 0.95 12.74
O1 GOL U . 6.83 0.13 13.53
C2 GOL U . 6.97 1.36 11.47
O2 GOL U . 7.81 1.26 10.34
C3 GOL U . 6.46 2.80 11.55
O3 GOL U . 5.17 2.86 11.00
C1 GOL V . -11.24 -14.55 -13.70
O1 GOL V . -11.36 -15.06 -15.00
C2 GOL V . -12.37 -13.56 -13.47
O2 GOL V . -12.62 -12.86 -14.68
C3 GOL V . -11.99 -12.58 -12.37
O3 GOL V . -12.86 -11.46 -12.39
C1 GOL W . -9.87 -5.75 -16.56
O1 GOL W . -10.80 -5.73 -15.52
C2 GOL W . -9.13 -4.42 -16.58
O2 GOL W . -9.98 -3.41 -17.06
C3 GOL W . -7.90 -4.53 -17.47
O3 GOL W . -8.23 -5.12 -18.71
C1 GOL X . 3.15 -9.21 12.47
O1 GOL X . 4.37 -9.63 13.02
C2 GOL X . 2.44 -7.99 13.10
O2 GOL X . 1.36 -8.43 13.89
C3 GOL X . 1.87 -7.03 12.05
O3 GOL X . 1.92 -5.70 12.48
C1 GOL Y . -7.92 20.05 11.33
O1 GOL Y . -7.13 20.41 12.44
C2 GOL Y . -9.18 20.91 11.19
O2 GOL Y . -9.79 20.62 9.96
C3 GOL Y . -8.85 22.39 11.32
O3 GOL Y . -9.12 22.81 12.64
#